data_2R3X
#
_entry.id   2R3X
#
_cell.length_a   99.103
_cell.length_b   93.858
_cell.length_c   51.566
_cell.angle_alpha   90.000
_cell.angle_beta   93.900
_cell.angle_gamma   90.000
#
_symmetry.space_group_name_H-M   'C 1 2 1'
#
loop_
_entity.id
_entity.type
_entity.pdbx_description
1 polymer 'Glutathione S-transferase A1'
2 non-polymer S-HEXYLGLUTATHIONE
3 water water
#
_entity_poly.entity_id   1
_entity_poly.type   'polypeptide(L)'
_entity_poly.pdbx_seq_one_letter_code
;MAEKPKLHYFNARGLMESTRWLLAAAGVEFEEKFIKSAEDLDKLRNDGYLMFQQVPMVEIDGMKLVQTRAILNYIASKYN
LYGKDIKERALIDMYIEGIADLGEMILLLPVCPPEEKDAKLALIKEKIKNRYFPAFEKVLKSHGQDYLVGNKLSRADIHL
VELLYYVEELDSSLISSFPLLKALKTRISNLPTVKKFLQPGSPRKPPMDEKSLEEARKIFRF
;
_entity_poly.pdbx_strand_id   A,B
#
loop_
_chem_comp.id
_chem_comp.type
_chem_comp.name
_chem_comp.formula
GTX non-polymer S-HEXYLGLUTATHIONE 'C16 H30 N3 O6 S 1'
#
# COMPACT_ATOMS: atom_id res chain seq x y z
N ALA A 2 -7.12 1.47 27.97
CA ALA A 2 -7.38 2.69 28.81
C ALA A 2 -8.13 3.84 28.07
N GLU A 3 -7.72 4.19 26.85
CA GLU A 3 -8.45 5.17 26.01
C GLU A 3 -8.90 4.60 24.64
N LYS A 4 -10.15 4.90 24.23
CA LYS A 4 -10.65 4.55 22.88
C LYS A 4 -9.70 5.08 21.82
N PRO A 5 -9.59 4.37 20.66
CA PRO A 5 -8.79 4.94 19.57
C PRO A 5 -9.32 6.32 19.18
N LYS A 6 -8.42 7.22 18.78
CA LYS A 6 -8.82 8.55 18.33
C LYS A 6 -8.34 8.74 16.88
N LEU A 7 -9.28 9.00 15.97
CA LEU A 7 -8.98 9.12 14.55
C LEU A 7 -8.88 10.59 14.17
N HIS A 8 -7.70 10.98 13.68
CA HIS A 8 -7.50 12.35 13.20
C HIS A 8 -7.64 12.43 11.69
N TYR A 9 -8.66 13.16 11.24
CA TYR A 9 -8.89 13.36 9.82
C TYR A 9 -9.86 14.51 9.62
N PHE A 10 -10.12 14.86 8.35
CA PHE A 10 -11.22 15.80 8.10
C PHE A 10 -12.56 15.03 8.07
N ASN A 11 -13.66 15.76 8.15
CA ASN A 11 -14.97 15.12 8.25
C ASN A 11 -15.45 14.68 6.86
N ALA A 12 -14.95 13.51 6.46
CA ALA A 12 -15.10 13.00 5.10
C ALA A 12 -14.58 11.58 5.11
N ARG A 13 -14.99 10.80 4.12
CA ARG A 13 -14.50 9.45 3.94
C ARG A 13 -12.97 9.48 3.72
N GLY A 14 -12.54 9.95 2.55
CA GLY A 14 -11.11 10.01 2.17
C GLY A 14 -10.37 8.73 2.50
N LEU A 15 -9.17 8.91 3.09
CA LEU A 15 -8.28 7.80 3.40
C LEU A 15 -8.60 7.16 4.76
N MET A 16 -9.59 7.70 5.50
CA MET A 16 -9.89 7.22 6.85
C MET A 16 -11.10 6.26 6.87
N GLU A 17 -11.91 6.30 5.82
CA GLU A 17 -13.16 5.54 5.83
C GLU A 17 -12.94 4.04 6.03
N SER A 18 -11.89 3.45 5.46
CA SER A 18 -11.73 1.97 5.64
C SER A 18 -11.37 1.61 7.09
N THR A 19 -10.67 2.51 7.77
CA THR A 19 -10.36 2.33 9.21
C THR A 19 -11.64 2.42 10.05
N ARG A 20 -12.51 3.36 9.71
CA ARG A 20 -13.81 3.50 10.41
C ARG A 20 -14.63 2.20 10.28
N TRP A 21 -14.71 1.69 9.05
CA TRP A 21 -15.36 0.41 8.75
C TRP A 21 -14.73 -0.71 9.55
N LEU A 22 -13.39 -0.79 9.55
CA LEU A 22 -12.74 -1.93 10.17
C LEU A 22 -12.93 -1.94 11.72
N LEU A 23 -12.75 -0.78 12.34
CA LEU A 23 -12.95 -0.68 13.80
C LEU A 23 -14.40 -1.00 14.18
N ALA A 24 -15.33 -0.45 13.43
CA ALA A 24 -16.76 -0.68 13.70
C ALA A 24 -17.09 -2.18 13.59
N ALA A 25 -16.62 -2.81 12.51
CA ALA A 25 -16.80 -4.24 12.25
C ALA A 25 -16.21 -5.11 13.38
N ALA A 26 -15.05 -4.70 13.89
CA ALA A 26 -14.41 -5.34 15.06
C ALA A 26 -15.18 -5.09 16.39
N GLY A 27 -16.15 -4.16 16.40
CA GLY A 27 -16.94 -3.86 17.60
C GLY A 27 -16.26 -2.86 18.52
N VAL A 28 -15.35 -2.07 17.94
CA VAL A 28 -14.52 -1.13 18.71
C VAL A 28 -15.05 0.28 18.58
N GLU A 29 -15.49 0.83 19.71
CA GLU A 29 -15.93 2.23 19.78
C GLU A 29 -14.70 3.13 19.62
N PHE A 30 -14.82 4.17 18.83
CA PHE A 30 -13.73 5.12 18.65
C PHE A 30 -14.24 6.54 18.71
N GLU A 31 -13.29 7.46 18.82
CA GLU A 31 -13.53 8.88 18.78
C GLU A 31 -12.89 9.50 17.52
N GLU A 32 -13.44 10.63 17.10
CA GLU A 32 -12.86 11.38 16.00
C GLU A 32 -12.60 12.81 16.43
N LYS A 33 -11.47 13.33 15.95
CA LYS A 33 -11.10 14.74 16.12
C LYS A 33 -10.96 15.34 14.74
N PHE A 34 -11.95 16.18 14.36
CA PHE A 34 -12.05 16.60 12.96
C PHE A 34 -11.21 17.83 12.70
N ILE A 35 -10.32 17.70 11.73
CA ILE A 35 -9.56 18.80 11.18
C ILE A 35 -10.51 19.65 10.34
N LYS A 36 -10.60 20.93 10.69
CA LYS A 36 -11.47 21.88 10.01
C LYS A 36 -10.76 22.80 9.02
N SER A 37 -9.46 23.02 9.25
CA SER A 37 -8.67 24.03 8.52
C SER A 37 -7.23 23.57 8.35
N ALA A 38 -6.52 24.28 7.48
CA ALA A 38 -5.06 24.11 7.36
C ALA A 38 -4.40 24.36 8.73
N GLU A 39 -4.88 25.36 9.47
CA GLU A 39 -4.39 25.63 10.83
C GLU A 39 -4.47 24.43 11.80
N ASP A 40 -5.60 23.73 11.78
CA ASP A 40 -5.73 22.50 12.59
C ASP A 40 -4.69 21.47 12.19
N LEU A 41 -4.48 21.27 10.89
CA LEU A 41 -3.43 20.34 10.44
C LEU A 41 -2.04 20.82 10.87
N ASP A 42 -1.82 22.12 10.71
CA ASP A 42 -0.55 22.72 11.18
C ASP A 42 -0.30 22.49 12.66
N LYS A 43 -1.32 22.66 13.48
CA LYS A 43 -1.18 22.36 14.92
C LYS A 43 -0.74 20.89 15.17
N LEU A 44 -1.38 19.92 14.49
CA LEU A 44 -0.92 18.50 14.57
C LEU A 44 0.56 18.37 14.20
N ARG A 45 0.96 18.97 13.08
CA ARG A 45 2.35 18.96 12.59
C ARG A 45 3.29 19.55 13.68
N ASN A 46 2.97 20.76 14.14
CA ASN A 46 3.81 21.44 15.13
C ASN A 46 3.88 20.74 16.48
N ASP A 47 2.80 20.04 16.86
CA ASP A 47 2.71 19.29 18.13
C ASP A 47 3.59 18.02 18.09
N GLY A 48 4.05 17.68 16.87
CA GLY A 48 4.90 16.51 16.62
C GLY A 48 4.10 15.23 16.39
N TYR A 49 2.79 15.36 16.18
CA TYR A 49 1.89 14.19 16.09
C TYR A 49 1.90 13.42 14.76
N LEU A 50 2.52 13.98 13.72
CA LEU A 50 2.45 13.39 12.38
C LEU A 50 3.83 13.11 11.81
N MET A 51 4.19 11.83 11.74
CA MET A 51 5.58 11.48 11.34
C MET A 51 6.03 12.00 9.97
N PHE A 52 5.12 11.99 9.00
CA PHE A 52 5.38 12.54 7.67
C PHE A 52 4.54 13.78 7.34
N GLN A 53 4.01 14.42 8.39
CA GLN A 53 3.29 15.68 8.30
C GLN A 53 1.93 15.56 7.58
N GLN A 54 1.43 14.31 7.54
CA GLN A 54 0.16 13.95 6.91
C GLN A 54 -0.78 13.24 7.90
N VAL A 55 -2.06 13.29 7.55
CA VAL A 55 -3.09 12.38 8.07
C VAL A 55 -3.59 11.45 6.92
N PRO A 56 -4.32 10.36 7.25
CA PRO A 56 -4.81 9.80 8.54
C PRO A 56 -3.76 9.64 9.66
N MET A 57 -4.17 9.99 10.86
CA MET A 57 -3.41 9.62 12.06
C MET A 57 -4.40 9.03 13.06
N VAL A 58 -3.98 7.94 13.71
CA VAL A 58 -4.79 7.27 14.74
C VAL A 58 -3.96 7.06 16.00
N GLU A 59 -4.49 7.52 17.13
CA GLU A 59 -3.92 7.19 18.44
C GLU A 59 -4.61 5.92 18.93
N ILE A 60 -3.81 4.88 19.14
CA ILE A 60 -4.34 3.56 19.55
C ILE A 60 -3.29 2.90 20.43
N ASP A 61 -3.74 2.35 21.55
CA ASP A 61 -2.87 1.67 22.49
C ASP A 61 -1.63 2.46 22.84
N GLY A 62 -1.82 3.74 23.11
CA GLY A 62 -0.76 4.60 23.66
C GLY A 62 0.32 5.00 22.67
N MET A 63 0.02 4.88 21.37
CA MET A 63 0.95 5.31 20.35
C MET A 63 0.22 5.99 19.15
N LYS A 64 0.93 6.85 18.45
CA LYS A 64 0.37 7.54 17.29
C LYS A 64 0.79 6.85 16.01
N LEU A 65 -0.17 6.52 15.17
CA LEU A 65 0.16 5.81 13.94
C LEU A 65 -0.30 6.60 12.74
N VAL A 66 0.63 6.96 11.86
CA VAL A 66 0.26 7.49 10.54
C VAL A 66 0.43 6.37 9.50
N GLN A 67 -0.06 6.62 8.29
CA GLN A 67 -0.03 5.67 7.17
C GLN A 67 -1.20 4.69 7.28
N THR A 68 -2.20 4.91 6.44
CA THR A 68 -3.40 4.10 6.40
C THR A 68 -3.10 2.59 6.57
N ARG A 69 -2.15 2.07 5.80
CA ARG A 69 -1.88 0.64 5.85
C ARG A 69 -1.29 0.17 7.19
N ALA A 70 -0.45 1.00 7.81
CA ALA A 70 0.10 0.72 9.15
C ALA A 70 -1.02 0.61 10.17
N ILE A 71 -1.90 1.60 10.17
CA ILE A 71 -3.10 1.63 11.04
C ILE A 71 -4.00 0.39 10.85
N LEU A 72 -4.32 0.11 9.59
CA LEU A 72 -5.23 -1.00 9.29
C LEU A 72 -4.61 -2.33 9.68
N ASN A 73 -3.32 -2.52 9.34
CA ASN A 73 -2.61 -3.73 9.68
C ASN A 73 -2.62 -4.00 11.17
N TYR A 74 -2.36 -2.98 11.96
CA TYR A 74 -2.35 -3.10 13.42
C TYR A 74 -3.73 -3.53 13.95
N ILE A 75 -4.76 -2.80 13.55
CA ILE A 75 -6.16 -3.10 13.90
C ILE A 75 -6.58 -4.52 13.51
N ALA A 76 -6.31 -4.90 12.26
CA ALA A 76 -6.65 -6.21 11.75
C ALA A 76 -6.00 -7.31 12.60
N SER A 77 -4.70 -7.16 12.89
CA SER A 77 -3.97 -8.14 13.74
C SER A 77 -4.53 -8.17 15.17
N LYS A 78 -4.77 -6.99 15.73
CA LYS A 78 -5.20 -6.89 17.13
C LYS A 78 -6.51 -7.67 17.36
N TYR A 79 -7.43 -7.56 16.41
CA TYR A 79 -8.76 -8.11 16.55
C TYR A 79 -8.97 -9.40 15.77
N ASN A 80 -7.87 -10.08 15.44
CA ASN A 80 -7.92 -11.38 14.75
C ASN A 80 -8.76 -11.37 13.45
N LEU A 81 -8.57 -10.32 12.66
CA LEU A 81 -9.22 -10.13 11.38
C LEU A 81 -8.17 -10.17 10.28
N TYR A 82 -7.00 -10.75 10.61
CA TYR A 82 -5.90 -10.80 9.66
C TYR A 82 -5.45 -12.23 9.31
N GLY A 83 -6.34 -13.20 9.44
CA GLY A 83 -6.03 -14.59 9.11
C GLY A 83 -5.33 -15.32 10.24
N LYS A 84 -5.13 -16.64 10.08
CA LYS A 84 -4.59 -17.45 11.18
C LYS A 84 -3.10 -17.72 11.05
N ASP A 85 -2.57 -17.53 9.85
CA ASP A 85 -1.14 -17.73 9.62
C ASP A 85 -0.65 -16.85 8.50
N ILE A 86 0.65 -16.97 8.22
CA ILE A 86 1.31 -16.31 7.13
C ILE A 86 0.65 -16.53 5.74
N LYS A 87 0.27 -17.77 5.44
CA LYS A 87 -0.35 -18.02 4.12
C LYS A 87 -1.71 -17.34 4.00
N GLU A 88 -2.51 -17.42 5.05
CA GLU A 88 -3.82 -16.72 5.05
C GLU A 88 -3.67 -15.22 4.94
N ARG A 89 -2.67 -14.68 5.65
CA ARG A 89 -2.29 -13.27 5.52
C ARG A 89 -1.95 -12.87 4.08
N ALA A 90 -1.21 -13.73 3.38
CA ALA A 90 -0.81 -13.41 2.00
C ALA A 90 -2.05 -13.33 1.07
N LEU A 91 -2.98 -14.30 1.21
CA LEU A 91 -4.29 -14.29 0.51
C LEU A 91 -5.03 -13.01 0.84
N ILE A 92 -5.16 -12.72 2.13
CA ILE A 92 -5.82 -11.47 2.57
C ILE A 92 -5.18 -10.24 1.91
N ASP A 93 -3.86 -10.10 2.04
CA ASP A 93 -3.08 -9.00 1.45
C ASP A 93 -3.29 -8.88 -0.07
N MET A 94 -3.26 -10.02 -0.72
CA MET A 94 -3.45 -10.04 -2.17
C MET A 94 -4.85 -9.47 -2.51
N TYR A 95 -5.89 -9.99 -1.85
CA TYR A 95 -7.27 -9.52 -2.05
C TYR A 95 -7.41 -8.02 -1.77
N ILE A 96 -6.88 -7.58 -0.64
CA ILE A 96 -7.20 -6.21 -0.17
C ILE A 96 -6.38 -5.17 -0.95
N GLU A 97 -5.24 -5.60 -1.50
CA GLU A 97 -4.45 -4.69 -2.35
C GLU A 97 -5.15 -4.51 -3.72
N GLY A 98 -5.82 -5.57 -4.21
CA GLY A 98 -6.71 -5.46 -5.36
C GLY A 98 -7.82 -4.46 -5.08
N ILE A 99 -8.47 -4.62 -3.92
CA ILE A 99 -9.51 -3.71 -3.47
C ILE A 99 -9.02 -2.26 -3.37
N ALA A 100 -7.86 -2.07 -2.74
CA ALA A 100 -7.21 -0.76 -2.65
C ALA A 100 -7.04 -0.09 -4.02
N ASP A 101 -6.49 -0.85 -4.98
CA ASP A 101 -6.28 -0.36 -6.36
C ASP A 101 -7.60 0.17 -6.97
N LEU A 102 -8.66 -0.63 -6.88
CA LEU A 102 -9.95 -0.17 -7.37
C LEU A 102 -10.54 1.02 -6.59
N GLY A 103 -10.39 1.01 -5.27
CA GLY A 103 -10.86 2.10 -4.40
C GLY A 103 -10.19 3.44 -4.68
N GLU A 104 -8.89 3.39 -4.97
CA GLU A 104 -8.20 4.64 -5.28
C GLU A 104 -8.64 5.23 -6.60
N MET A 105 -8.79 4.38 -7.61
CA MET A 105 -9.39 4.76 -8.89
C MET A 105 -10.69 5.54 -8.65
N ILE A 106 -11.57 4.99 -7.82
CA ILE A 106 -12.85 5.62 -7.49
C ILE A 106 -12.67 6.93 -6.68
N LEU A 107 -11.76 6.91 -5.69
CA LEU A 107 -11.56 8.08 -4.84
C LEU A 107 -11.08 9.29 -5.65
N LEU A 108 -10.15 9.06 -6.58
CA LEU A 108 -9.51 10.13 -7.33
C LEU A 108 -10.30 10.56 -8.57
N LEU A 109 -11.54 10.09 -8.65
CA LEU A 109 -12.40 10.42 -9.80
C LEU A 109 -12.78 11.91 -9.90
N PRO A 110 -13.29 12.52 -8.79
CA PRO A 110 -13.58 13.97 -8.79
C PRO A 110 -12.37 14.91 -8.91
N VAL A 111 -11.14 14.39 -8.77
CA VAL A 111 -9.92 15.23 -8.92
C VAL A 111 -9.22 15.10 -10.29
N CYS A 112 -9.82 14.32 -11.19
CA CYS A 112 -9.39 14.29 -12.58
C CYS A 112 -9.78 15.60 -13.27
N PRO A 113 -8.88 16.13 -14.13
CA PRO A 113 -9.25 17.28 -14.97
C PRO A 113 -10.55 16.98 -15.74
N PRO A 114 -11.47 17.96 -15.83
CA PRO A 114 -12.84 17.78 -16.36
C PRO A 114 -12.92 17.08 -17.73
N GLU A 115 -11.89 17.25 -18.56
CA GLU A 115 -11.87 16.65 -19.89
C GLU A 115 -11.42 15.18 -19.88
N GLU A 116 -10.78 14.77 -18.78
CA GLU A 116 -10.38 13.38 -18.60
C GLU A 116 -11.44 12.57 -17.85
N LYS A 117 -12.40 13.27 -17.23
CA LYS A 117 -13.34 12.68 -16.28
C LYS A 117 -14.20 11.55 -16.85
N ASP A 118 -14.66 11.70 -18.09
CA ASP A 118 -15.59 10.73 -18.69
C ASP A 118 -14.94 9.42 -19.09
N ALA A 119 -13.80 9.51 -19.79
CA ALA A 119 -13.02 8.33 -20.21
C ALA A 119 -12.48 7.48 -19.04
N LYS A 120 -12.07 8.15 -17.96
CA LYS A 120 -11.59 7.50 -16.73
C LYS A 120 -12.69 6.61 -16.14
N LEU A 121 -13.89 7.17 -16.00
CA LEU A 121 -15.06 6.47 -15.44
C LEU A 121 -15.35 5.20 -16.25
N ALA A 122 -15.40 5.36 -17.58
CA ALA A 122 -15.63 4.21 -18.47
C ALA A 122 -14.60 3.10 -18.24
N LEU A 123 -13.34 3.49 -18.12
CA LEU A 123 -12.27 2.55 -17.78
C LEU A 123 -12.47 1.89 -16.40
N ILE A 124 -12.97 2.64 -15.42
CA ILE A 124 -13.26 2.10 -14.08
C ILE A 124 -14.35 1.01 -14.17
N LYS A 125 -15.38 1.26 -14.98
CA LYS A 125 -16.50 0.33 -15.12
C LYS A 125 -16.09 -0.96 -15.77
N GLU A 126 -15.26 -0.85 -16.81
CA GLU A 126 -14.72 -2.00 -17.50
C GLU A 126 -13.86 -2.86 -16.56
N LYS A 127 -12.94 -2.23 -15.82
CA LYS A 127 -12.14 -2.97 -14.83
C LYS A 127 -13.00 -3.61 -13.72
N ILE A 128 -14.04 -2.92 -13.24
CA ILE A 128 -14.97 -3.54 -12.30
C ILE A 128 -15.59 -4.80 -12.88
N LYS A 129 -16.15 -4.66 -14.07
CA LYS A 129 -16.86 -5.74 -14.75
C LYS A 129 -15.99 -6.90 -15.20
N ASN A 130 -14.80 -6.56 -15.72
CA ASN A 130 -13.95 -7.52 -16.41
C ASN A 130 -12.79 -8.06 -15.57
N ARG A 131 -12.34 -7.27 -14.59
CA ARG A 131 -11.16 -7.57 -13.81
C ARG A 131 -11.45 -7.86 -12.32
N TYR A 132 -12.07 -6.90 -11.63
CA TYR A 132 -12.15 -7.00 -10.17
C TYR A 132 -13.29 -7.89 -9.68
N PHE A 133 -14.50 -7.62 -10.16
CA PHE A 133 -15.64 -8.41 -9.69
C PHE A 133 -15.51 -9.89 -10.10
N PRO A 134 -15.07 -10.19 -11.35
CA PRO A 134 -14.79 -11.60 -11.63
C PRO A 134 -13.77 -12.30 -10.69
N ALA A 135 -12.69 -11.62 -10.30
CA ALA A 135 -11.68 -12.20 -9.37
C ALA A 135 -12.30 -12.61 -8.02
N PHE A 136 -13.11 -11.74 -7.45
CA PHE A 136 -13.65 -11.98 -6.12
C PHE A 136 -14.79 -12.99 -6.16
N GLU A 137 -15.62 -12.90 -7.21
CA GLU A 137 -16.65 -13.91 -7.46
C GLU A 137 -16.00 -15.32 -7.61
N LYS A 138 -14.86 -15.37 -8.31
CA LYS A 138 -14.08 -16.60 -8.48
C LYS A 138 -13.59 -17.19 -7.15
N VAL A 139 -13.03 -16.35 -6.29
CA VAL A 139 -12.66 -16.74 -4.92
C VAL A 139 -13.85 -17.33 -4.15
N LEU A 140 -14.96 -16.60 -4.15
CA LEU A 140 -16.16 -17.07 -3.44
C LEU A 140 -16.65 -18.41 -4.00
N LYS A 141 -16.61 -18.55 -5.32
CA LYS A 141 -17.05 -19.79 -5.98
C LYS A 141 -16.12 -20.97 -5.72
N SER A 142 -14.81 -20.71 -5.59
CA SER A 142 -13.76 -21.75 -5.40
C SER A 142 -14.01 -22.60 -4.16
N HIS A 143 -14.37 -21.93 -3.06
CA HIS A 143 -14.60 -22.63 -1.78
C HIS A 143 -16.07 -22.79 -1.36
N GLY A 144 -16.96 -22.00 -1.97
CA GLY A 144 -18.37 -21.94 -1.54
C GLY A 144 -18.70 -21.49 -0.11
N GLN A 145 -17.70 -20.91 0.58
CA GLN A 145 -17.87 -20.47 1.98
C GLN A 145 -18.36 -19.03 2.06
N ASP A 146 -18.83 -18.66 3.24
CA ASP A 146 -19.43 -17.34 3.48
C ASP A 146 -18.45 -16.14 3.60
N TYR A 147 -17.17 -16.44 3.80
CA TYR A 147 -16.12 -15.44 4.00
C TYR A 147 -15.03 -15.68 2.95
N LEU A 148 -14.26 -14.64 2.65
CA LEU A 148 -13.24 -14.74 1.60
C LEU A 148 -12.15 -15.73 1.95
N VAL A 149 -11.73 -15.70 3.21
CA VAL A 149 -10.54 -16.40 3.71
C VAL A 149 -10.72 -17.13 5.04
N GLY A 150 -10.23 -18.37 5.10
CA GLY A 150 -10.24 -19.19 6.33
C GLY A 150 -11.63 -19.51 6.91
N ASN A 151 -12.68 -19.32 6.10
CA ASN A 151 -14.06 -19.63 6.50
C ASN A 151 -14.38 -18.89 7.82
N LYS A 152 -13.94 -17.64 7.87
CA LYS A 152 -14.08 -16.83 9.07
C LYS A 152 -13.91 -15.37 8.66
N LEU A 153 -14.58 -14.51 9.40
CA LEU A 153 -14.60 -13.08 9.13
C LEU A 153 -13.16 -12.62 9.10
N SER A 154 -12.81 -11.83 8.08
CA SER A 154 -11.53 -11.12 8.08
C SER A 154 -11.74 -9.72 7.52
N ARG A 155 -10.69 -8.93 7.60
CA ARG A 155 -10.66 -7.59 7.04
C ARG A 155 -10.95 -7.63 5.51
N ALA A 156 -10.62 -8.73 4.85
CA ALA A 156 -10.93 -8.87 3.39
C ALA A 156 -12.42 -8.75 3.14
N ASP A 157 -13.25 -9.41 3.97
CA ASP A 157 -14.71 -9.34 3.80
C ASP A 157 -15.22 -7.90 4.02
N ILE A 158 -14.67 -7.25 5.06
CA ILE A 158 -15.01 -5.88 5.42
C ILE A 158 -14.57 -4.89 4.33
N HIS A 159 -13.29 -4.94 3.92
CA HIS A 159 -12.83 -4.05 2.85
C HIS A 159 -13.62 -4.24 1.56
N LEU A 160 -13.94 -5.48 1.22
CA LEU A 160 -14.60 -5.76 -0.06
C LEU A 160 -16.03 -5.22 -0.01
N VAL A 161 -16.76 -5.55 1.07
CA VAL A 161 -18.15 -5.07 1.24
C VAL A 161 -18.24 -3.53 1.23
N GLU A 162 -17.33 -2.85 1.94
CA GLU A 162 -17.20 -1.39 1.83
C GLU A 162 -17.15 -0.96 0.34
N LEU A 163 -16.27 -1.58 -0.46
CA LEU A 163 -16.17 -1.26 -1.89
C LEU A 163 -17.48 -1.59 -2.67
N LEU A 164 -18.12 -2.70 -2.34
CA LEU A 164 -19.41 -3.05 -2.96
C LEU A 164 -20.42 -1.90 -2.78
N TYR A 165 -20.47 -1.32 -1.59
CA TYR A 165 -21.34 -0.17 -1.33
C TYR A 165 -20.93 1.04 -2.20
N TYR A 166 -19.61 1.27 -2.34
CA TYR A 166 -19.13 2.39 -3.17
C TYR A 166 -19.46 2.18 -4.62
N VAL A 167 -19.25 0.97 -5.11
CA VAL A 167 -19.60 0.63 -6.47
C VAL A 167 -21.11 0.82 -6.70
N GLU A 168 -21.91 0.49 -5.69
CA GLU A 168 -23.37 0.60 -5.83
C GLU A 168 -23.77 2.06 -6.03
N GLU A 169 -23.15 2.96 -5.26
CA GLU A 169 -23.26 4.42 -5.44
C GLU A 169 -22.88 4.83 -6.87
N LEU A 170 -21.80 4.24 -7.39
CA LEU A 170 -21.30 4.59 -8.71
C LEU A 170 -22.24 4.15 -9.82
N ASP A 171 -22.70 2.90 -9.76
CA ASP A 171 -23.58 2.29 -10.76
C ASP A 171 -24.14 0.99 -10.17
N SER A 172 -25.42 1.01 -9.81
CA SER A 172 -26.06 -0.16 -9.19
C SER A 172 -26.09 -1.39 -10.11
N SER A 173 -25.84 -1.20 -11.40
CA SER A 173 -25.94 -2.32 -12.33
C SER A 173 -24.66 -3.17 -12.33
N LEU A 174 -23.57 -2.62 -11.81
CA LEU A 174 -22.26 -3.27 -11.98
C LEU A 174 -22.14 -4.63 -11.29
N ILE A 175 -22.79 -4.76 -10.14
CA ILE A 175 -22.78 -6.02 -9.36
C ILE A 175 -23.73 -7.09 -9.95
N SER A 176 -24.54 -6.73 -10.96
CA SER A 176 -25.71 -7.58 -11.35
C SER A 176 -25.39 -9.03 -11.74
N SER A 177 -24.27 -9.27 -12.38
CA SER A 177 -23.95 -10.61 -12.88
C SER A 177 -23.08 -11.38 -11.89
N PHE A 178 -23.00 -10.87 -10.66
CA PHE A 178 -22.11 -11.43 -9.64
C PHE A 178 -22.93 -11.82 -8.43
N PRO A 179 -23.67 -12.96 -8.54
CA PRO A 179 -24.58 -13.38 -7.43
C PRO A 179 -23.88 -13.58 -6.07
N LEU A 180 -22.67 -14.14 -6.07
CA LEU A 180 -21.96 -14.51 -4.84
C LEU A 180 -21.49 -13.26 -4.07
N LEU A 181 -21.02 -12.27 -4.85
CA LEU A 181 -20.79 -10.89 -4.36
C LEU A 181 -22.01 -10.26 -3.70
N LYS A 182 -23.14 -10.22 -4.42
CA LYS A 182 -24.40 -9.76 -3.79
C LYS A 182 -24.70 -10.48 -2.49
N ALA A 183 -24.48 -11.80 -2.45
CA ALA A 183 -24.79 -12.61 -1.27
C ALA A 183 -23.86 -12.27 -0.10
N LEU A 184 -22.57 -12.11 -0.39
CA LEU A 184 -21.58 -11.63 0.60
C LEU A 184 -21.99 -10.27 1.21
N LYS A 185 -22.31 -9.30 0.35
CA LYS A 185 -22.75 -7.99 0.75
C LYS A 185 -23.90 -8.09 1.77
N THR A 186 -24.88 -8.95 1.48
CA THR A 186 -26.05 -9.11 2.38
C THR A 186 -25.68 -9.69 3.75
N ARG A 187 -24.94 -10.79 3.74
CA ARG A 187 -24.56 -11.49 4.94
C ARG A 187 -23.71 -10.58 5.82
N ILE A 188 -22.68 -9.97 5.23
CA ILE A 188 -21.77 -9.13 5.99
C ILE A 188 -22.56 -7.94 6.58
N SER A 189 -23.47 -7.38 5.78
CA SER A 189 -24.27 -6.21 6.22
C SER A 189 -25.13 -6.55 7.46
N ASN A 190 -25.50 -7.84 7.60
CA ASN A 190 -26.28 -8.39 8.73
C ASN A 190 -25.53 -8.83 9.99
N LEU A 191 -24.20 -8.90 9.93
CA LEU A 191 -23.40 -9.10 11.16
C LEU A 191 -23.72 -7.95 12.13
N PRO A 192 -23.99 -8.27 13.43
CA PRO A 192 -24.39 -7.29 14.47
C PRO A 192 -23.56 -5.99 14.40
N THR A 193 -22.24 -6.12 14.39
CA THR A 193 -21.35 -4.96 14.36
C THR A 193 -21.48 -4.13 13.09
N VAL A 194 -21.51 -4.80 11.94
CA VAL A 194 -21.58 -4.06 10.67
C VAL A 194 -23.01 -3.44 10.53
N LYS A 195 -24.02 -4.22 10.94
CA LYS A 195 -25.41 -3.72 10.94
C LYS A 195 -25.53 -2.39 11.71
N LYS A 196 -24.93 -2.34 12.91
CA LYS A 196 -24.93 -1.14 13.73
C LYS A 196 -24.26 0.03 12.98
N PHE A 197 -23.15 -0.28 12.29
CA PHE A 197 -22.41 0.72 11.50
C PHE A 197 -23.18 1.31 10.31
N LEU A 198 -24.07 0.51 9.73
CA LEU A 198 -24.82 0.90 8.54
C LEU A 198 -26.06 1.69 8.93
N GLN A 199 -26.47 1.57 10.18
CA GLN A 199 -27.66 2.27 10.65
C GLN A 199 -27.44 3.78 10.68
N PRO A 200 -28.54 4.56 10.60
CA PRO A 200 -28.38 6.03 10.62
C PRO A 200 -27.73 6.52 11.88
N GLY A 201 -26.99 7.61 11.77
CA GLY A 201 -26.31 8.18 12.93
C GLY A 201 -24.95 7.63 13.31
N SER A 202 -24.47 6.60 12.60
CA SER A 202 -23.14 6.01 12.90
C SER A 202 -22.03 6.93 12.42
N PRO A 203 -20.76 6.65 12.80
CA PRO A 203 -19.59 7.36 12.26
C PRO A 203 -19.34 7.19 10.75
N ARG A 204 -20.12 6.33 10.08
CA ARG A 204 -20.01 6.17 8.63
C ARG A 204 -20.27 7.51 7.92
N LYS A 205 -19.44 7.83 6.94
CA LYS A 205 -19.42 9.15 6.32
C LYS A 205 -20.13 9.11 4.97
N PRO A 206 -20.78 10.22 4.56
CA PRO A 206 -21.45 10.28 3.26
C PRO A 206 -20.45 10.33 2.07
N PRO A 207 -20.93 10.11 0.81
CA PRO A 207 -20.09 10.37 -0.39
C PRO A 207 -19.59 11.81 -0.35
N MET A 208 -18.38 12.05 -0.83
CA MET A 208 -17.78 13.38 -0.74
C MET A 208 -18.36 14.28 -1.83
N ASP A 209 -18.94 15.41 -1.45
CA ASP A 209 -19.52 16.33 -2.45
C ASP A 209 -18.51 17.44 -2.84
N GLU A 210 -18.87 18.27 -3.81
CA GLU A 210 -17.94 19.28 -4.28
C GLU A 210 -17.44 20.17 -3.15
N LYS A 211 -18.32 20.51 -2.21
CA LYS A 211 -17.91 21.44 -1.16
C LYS A 211 -16.95 20.77 -0.17
N SER A 212 -17.15 19.47 0.08
CA SER A 212 -16.23 18.74 0.95
C SER A 212 -14.84 18.70 0.33
N LEU A 213 -14.81 18.48 -0.98
CA LEU A 213 -13.59 18.44 -1.76
C LEU A 213 -12.83 19.78 -1.74
N GLU A 214 -13.59 20.87 -1.68
CA GLU A 214 -12.99 22.21 -1.53
C GLU A 214 -12.41 22.37 -0.12
N GLU A 215 -13.12 21.83 0.88
CA GLU A 215 -12.59 21.79 2.24
C GLU A 215 -11.21 21.09 2.25
N ALA A 216 -11.09 19.99 1.50
CA ALA A 216 -9.84 19.23 1.39
C ALA A 216 -8.72 20.02 0.68
N ARG A 217 -9.08 20.73 -0.40
CA ARG A 217 -8.14 21.61 -1.09
C ARG A 217 -7.59 22.71 -0.17
N LYS A 218 -8.43 23.25 0.72
CA LYS A 218 -7.98 24.26 1.66
C LYS A 218 -7.11 23.68 2.78
N ILE A 219 -7.60 22.62 3.44
CA ILE A 219 -6.91 21.97 4.55
C ILE A 219 -5.54 21.44 4.17
N PHE A 220 -5.48 20.75 3.02
CA PHE A 220 -4.29 20.00 2.55
C PHE A 220 -3.46 20.74 1.51
N ARG A 221 -3.91 21.95 1.18
CA ARG A 221 -3.19 22.89 0.32
C ARG A 221 -2.81 22.25 -1.02
N PHE A 222 -3.86 21.86 -1.74
CA PHE A 222 -3.73 21.39 -3.12
C PHE A 222 -4.87 21.95 -3.98
N LYS B 4 13.03 -22.80 -4.90
CA LYS B 4 13.44 -21.35 -4.96
C LYS B 4 12.23 -20.51 -5.37
N PRO B 5 12.02 -19.34 -4.71
CA PRO B 5 11.02 -18.40 -5.22
C PRO B 5 11.29 -18.04 -6.71
N LYS B 6 10.20 -17.94 -7.50
CA LYS B 6 10.29 -17.51 -8.90
C LYS B 6 9.54 -16.19 -9.12
N LEU B 7 10.26 -15.20 -9.66
CA LEU B 7 9.76 -13.84 -9.84
C LEU B 7 9.37 -13.58 -11.26
N HIS B 8 8.09 -13.29 -11.48
CA HIS B 8 7.59 -13.01 -12.82
C HIS B 8 7.44 -11.51 -12.99
N TYR B 9 8.28 -10.97 -13.86
CA TYR B 9 8.30 -9.55 -14.15
C TYR B 9 9.07 -9.31 -15.44
N PHE B 10 9.14 -8.04 -15.84
CA PHE B 10 10.04 -7.73 -16.96
C PHE B 10 11.39 -7.37 -16.43
N ASN B 11 12.35 -7.27 -17.35
CA ASN B 11 13.71 -7.11 -16.93
C ASN B 11 14.02 -5.64 -16.61
N ALA B 12 13.60 -5.25 -15.39
CA ALA B 12 13.70 -3.88 -14.93
C ALA B 12 13.36 -3.85 -13.44
N ARG B 13 13.68 -2.72 -12.83
CA ARG B 13 13.42 -2.50 -11.42
C ARG B 13 11.91 -2.56 -11.17
N GLY B 14 11.22 -1.55 -11.68
CA GLY B 14 9.76 -1.43 -11.59
C GLY B 14 9.20 -1.69 -10.19
N LEU B 15 8.09 -2.42 -10.15
CA LEU B 15 7.44 -2.82 -8.89
C LEU B 15 8.09 -4.06 -8.21
N MET B 16 9.06 -4.68 -8.87
CA MET B 16 9.69 -5.91 -8.33
C MET B 16 10.99 -5.71 -7.54
N GLU B 17 11.61 -4.55 -7.71
CA GLU B 17 13.01 -4.38 -7.25
C GLU B 17 13.10 -4.49 -5.72
N SER B 18 12.11 -3.96 -5.02
CA SER B 18 12.15 -4.02 -3.53
C SER B 18 12.03 -5.50 -3.05
N THR B 19 11.36 -6.34 -3.86
CA THR B 19 11.26 -7.77 -3.55
C THR B 19 12.63 -8.41 -3.77
N ARG B 20 13.28 -8.09 -4.89
CA ARG B 20 14.67 -8.53 -5.12
C ARG B 20 15.63 -8.20 -3.94
N TRP B 21 15.61 -6.94 -3.50
CA TRP B 21 16.41 -6.48 -2.35
C TRP B 21 16.12 -7.29 -1.09
N LEU B 22 14.83 -7.48 -0.76
CA LEU B 22 14.44 -8.11 0.50
C LEU B 22 14.87 -9.56 0.49
N LEU B 23 14.62 -10.24 -0.62
CA LEU B 23 15.01 -11.66 -0.73
C LEU B 23 16.52 -11.81 -0.62
N ALA B 24 17.26 -11.00 -1.40
CA ALA B 24 18.73 -10.99 -1.33
C ALA B 24 19.21 -10.73 0.09
N ALA B 25 18.67 -9.70 0.73
CA ALA B 25 19.05 -9.37 2.11
C ALA B 25 18.77 -10.53 3.07
N ALA B 26 17.71 -11.30 2.83
CA ALA B 26 17.38 -12.46 3.67
C ALA B 26 18.28 -13.69 3.39
N GLY B 27 19.18 -13.56 2.42
CA GLY B 27 20.03 -14.69 1.95
C GLY B 27 19.28 -15.72 1.09
N VAL B 28 18.16 -15.32 0.49
CA VAL B 28 17.35 -16.28 -0.28
C VAL B 28 17.65 -16.23 -1.80
N GLU B 29 18.15 -17.35 -2.35
CA GLU B 29 18.38 -17.52 -3.80
C GLU B 29 17.05 -17.60 -4.52
N PHE B 30 16.86 -16.78 -5.57
CA PHE B 30 15.64 -16.83 -6.34
C PHE B 30 15.91 -16.93 -7.84
N GLU B 31 14.85 -17.19 -8.57
CA GLU B 31 14.88 -17.25 -10.02
C GLU B 31 13.97 -16.17 -10.58
N GLU B 32 14.36 -15.63 -11.73
CA GLU B 32 13.49 -14.72 -12.46
C GLU B 32 13.09 -15.32 -13.78
N LYS B 33 11.81 -15.20 -14.11
CA LYS B 33 11.32 -15.50 -15.46
C LYS B 33 10.94 -14.19 -16.12
N PHE B 34 11.82 -13.69 -16.98
CA PHE B 34 11.59 -12.37 -17.58
C PHE B 34 10.54 -12.38 -18.69
N ILE B 35 9.48 -11.62 -18.46
CA ILE B 35 8.50 -11.25 -19.48
C ILE B 35 9.17 -10.30 -20.49
N LYS B 36 9.06 -10.63 -21.78
CA LYS B 36 9.70 -9.82 -22.82
C LYS B 36 8.68 -9.14 -23.76
N SER B 37 7.46 -9.68 -23.81
CA SER B 37 6.42 -9.21 -24.74
C SER B 37 5.04 -9.14 -24.10
N ALA B 38 4.13 -8.46 -24.78
CA ALA B 38 2.70 -8.50 -24.45
C ALA B 38 2.20 -9.94 -24.44
N GLU B 39 2.62 -10.75 -25.41
CA GLU B 39 2.22 -12.16 -25.46
C GLU B 39 2.70 -13.01 -24.26
N ASP B 40 3.90 -12.72 -23.76
CA ASP B 40 4.44 -13.42 -22.55
C ASP B 40 3.51 -13.12 -21.36
N LEU B 41 3.12 -11.86 -21.24
CA LEU B 41 2.19 -11.45 -20.19
C LEU B 41 0.83 -12.15 -20.38
N ASP B 42 0.37 -12.16 -21.63
CA ASP B 42 -0.93 -12.74 -21.97
C ASP B 42 -0.91 -14.25 -21.69
N LYS B 43 0.24 -14.90 -21.87
CA LYS B 43 0.32 -16.32 -21.52
C LYS B 43 0.13 -16.55 -20.00
N LEU B 44 0.83 -15.78 -19.17
CA LEU B 44 0.56 -15.78 -17.71
C LEU B 44 -0.91 -15.59 -17.36
N ARG B 45 -1.54 -14.57 -17.96
CA ARG B 45 -2.96 -14.28 -17.74
C ARG B 45 -3.82 -15.48 -18.10
N ASN B 46 -3.61 -15.98 -19.32
CA ASN B 46 -4.35 -17.11 -19.87
C ASN B 46 -4.27 -18.33 -18.99
N ASP B 47 -3.08 -18.59 -18.47
CA ASP B 47 -2.80 -19.80 -17.70
C ASP B 47 -3.40 -19.76 -16.28
N GLY B 48 -3.98 -18.63 -15.89
CA GLY B 48 -4.63 -18.47 -14.57
C GLY B 48 -3.65 -18.03 -13.47
N TYR B 49 -2.44 -17.61 -13.86
CA TYR B 49 -1.34 -17.33 -12.93
C TYR B 49 -1.48 -15.99 -12.17
N LEU B 50 -2.32 -15.09 -12.69
CA LEU B 50 -2.37 -13.72 -12.20
C LEU B 50 -3.76 -13.35 -11.75
N MET B 51 -3.95 -13.24 -10.44
CA MET B 51 -5.30 -13.02 -9.92
C MET B 51 -5.99 -11.78 -10.54
N PHE B 52 -5.26 -10.67 -10.67
CA PHE B 52 -5.82 -9.44 -11.21
C PHE B 52 -5.25 -9.09 -12.60
N GLN B 53 -4.69 -10.09 -13.28
CA GLN B 53 -4.16 -9.95 -14.65
C GLN B 53 -2.92 -9.04 -14.78
N GLN B 54 -2.24 -8.85 -13.64
CA GLN B 54 -1.08 -8.00 -13.49
C GLN B 54 0.09 -8.75 -12.86
N VAL B 55 1.31 -8.29 -13.18
CA VAL B 55 2.50 -8.63 -12.40
C VAL B 55 2.91 -7.38 -11.58
N PRO B 56 3.81 -7.51 -10.57
CA PRO B 56 4.60 -8.66 -10.05
C PRO B 56 3.74 -9.86 -9.65
N MET B 57 4.27 -11.03 -9.94
CA MET B 57 3.79 -12.29 -9.39
C MET B 57 5.02 -13.07 -8.95
N VAL B 58 4.94 -13.60 -7.74
CA VAL B 58 5.99 -14.45 -7.22
C VAL B 58 5.40 -15.84 -6.88
N GLU B 59 6.01 -16.89 -7.42
CA GLU B 59 5.69 -18.26 -6.99
C GLU B 59 6.64 -18.62 -5.87
N ILE B 60 6.03 -18.83 -4.71
CA ILE B 60 6.72 -19.09 -3.44
C ILE B 60 5.85 -20.01 -2.57
N ASP B 61 6.52 -21.00 -1.97
CA ASP B 61 5.89 -21.93 -1.06
C ASP B 61 4.60 -22.51 -1.68
N GLY B 62 4.69 -22.84 -2.97
CA GLY B 62 3.64 -23.56 -3.66
C GLY B 62 2.38 -22.78 -3.91
N MET B 63 2.46 -21.47 -3.87
CA MET B 63 1.35 -20.63 -4.26
C MET B 63 1.79 -19.45 -5.14
N LYS B 64 0.85 -18.84 -5.85
CA LYS B 64 1.19 -17.80 -6.81
C LYS B 64 0.67 -16.47 -6.28
N LEU B 65 1.59 -15.62 -5.81
CA LEU B 65 1.20 -14.41 -5.11
C LEU B 65 1.37 -13.17 -5.98
N VAL B 66 0.27 -12.45 -6.24
CA VAL B 66 0.34 -11.09 -6.84
C VAL B 66 0.13 -10.01 -5.77
N GLN B 67 0.34 -8.75 -6.15
CA GLN B 67 0.30 -7.58 -5.28
C GLN B 67 1.61 -7.42 -4.53
N THR B 68 2.36 -6.40 -4.92
CA THR B 68 3.68 -6.08 -4.35
C THR B 68 3.72 -6.21 -2.81
N ARG B 69 2.79 -5.55 -2.14
CA ARG B 69 2.75 -5.55 -0.66
C ARG B 69 2.44 -6.92 -0.08
N ALA B 70 1.58 -7.68 -0.78
CA ALA B 70 1.28 -9.06 -0.38
C ALA B 70 2.58 -9.90 -0.42
N ILE B 71 3.32 -9.79 -1.52
CA ILE B 71 4.59 -10.48 -1.75
C ILE B 71 5.59 -10.11 -0.65
N LEU B 72 5.78 -8.80 -0.45
CA LEU B 72 6.73 -8.28 0.53
C LEU B 72 6.38 -8.70 1.98
N ASN B 73 5.11 -8.54 2.37
CA ASN B 73 4.69 -8.90 3.73
C ASN B 73 4.99 -10.35 4.03
N TYR B 74 4.69 -11.21 3.07
CA TYR B 74 4.93 -12.65 3.22
C TYR B 74 6.43 -12.95 3.41
N ILE B 75 7.25 -12.42 2.52
CA ILE B 75 8.70 -12.65 2.61
C ILE B 75 9.28 -12.11 3.93
N ALA B 76 8.86 -10.91 4.30
CA ALA B 76 9.36 -10.26 5.51
C ALA B 76 9.03 -11.14 6.73
N SER B 77 7.79 -11.61 6.82
CA SER B 77 7.34 -12.47 7.92
C SER B 77 8.09 -13.79 7.94
N LYS B 78 8.13 -14.43 6.76
CA LYS B 78 8.79 -15.72 6.64
C LYS B 78 10.23 -15.66 7.14
N TYR B 79 10.99 -14.63 6.74
CA TYR B 79 12.42 -14.62 7.05
C TYR B 79 12.75 -13.70 8.22
N ASN B 80 11.76 -13.51 9.10
CA ASN B 80 11.92 -12.80 10.36
C ASN B 80 12.48 -11.37 10.24
N LEU B 81 11.97 -10.68 9.26
CA LEU B 81 12.41 -9.33 9.01
C LEU B 81 11.22 -8.39 9.20
N TYR B 82 10.22 -8.82 9.97
CA TYR B 82 9.02 -8.00 10.15
C TYR B 82 8.76 -7.66 11.64
N GLY B 83 9.81 -7.65 12.44
CA GLY B 83 9.71 -7.31 13.85
C GLY B 83 9.29 -8.48 14.73
N LYS B 84 9.37 -8.27 16.05
CA LYS B 84 9.03 -9.33 17.02
C LYS B 84 7.54 -9.50 17.36
N ASP B 85 6.71 -8.49 17.07
CA ASP B 85 5.34 -8.45 17.58
C ASP B 85 4.55 -7.40 16.85
N ILE B 86 3.26 -7.26 17.13
CA ILE B 86 2.46 -6.37 16.27
C ILE B 86 2.77 -4.90 16.54
N LYS B 87 3.19 -4.54 17.75
CA LYS B 87 3.65 -3.16 17.93
C LYS B 87 4.89 -2.78 17.10
N GLU B 88 5.87 -3.68 17.02
CA GLU B 88 7.04 -3.49 16.16
C GLU B 88 6.64 -3.48 14.69
N ARG B 89 5.71 -4.37 14.32
CA ARG B 89 5.16 -4.40 12.94
C ARG B 89 4.54 -3.04 12.63
N ALA B 90 3.82 -2.46 13.57
CA ALA B 90 3.24 -1.11 13.38
C ALA B 90 4.27 0.00 13.05
N LEU B 91 5.38 0.05 13.79
CA LEU B 91 6.51 0.98 13.49
C LEU B 91 7.08 0.70 12.10
N ILE B 92 7.32 -0.57 11.82
CA ILE B 92 7.86 -1.00 10.52
C ILE B 92 6.94 -0.53 9.40
N ASP B 93 5.64 -0.81 9.55
CA ASP B 93 4.64 -0.49 8.51
C ASP B 93 4.56 1.04 8.29
N MET B 94 4.55 1.80 9.39
CA MET B 94 4.58 3.26 9.29
C MET B 94 5.80 3.74 8.52
N TYR B 95 6.99 3.26 8.89
CA TYR B 95 8.20 3.69 8.19
C TYR B 95 8.18 3.29 6.70
N ILE B 96 7.87 2.02 6.40
CA ILE B 96 8.09 1.51 5.04
C ILE B 96 7.04 2.09 4.08
N GLU B 97 5.87 2.48 4.62
CA GLU B 97 4.83 3.15 3.84
C GLU B 97 5.21 4.60 3.45
N GLY B 98 5.95 5.28 4.32
CA GLY B 98 6.57 6.56 3.96
C GLY B 98 7.61 6.39 2.85
N ILE B 99 8.46 5.36 3.01
CA ILE B 99 9.47 5.01 2.01
C ILE B 99 8.81 4.68 0.67
N ALA B 100 7.72 3.90 0.69
CA ALA B 100 6.99 3.52 -0.51
C ALA B 100 6.38 4.75 -1.21
N ASP B 101 5.82 5.68 -0.43
CA ASP B 101 5.27 6.92 -0.97
C ASP B 101 6.34 7.68 -1.77
N LEU B 102 7.52 7.86 -1.17
CA LEU B 102 8.65 8.48 -1.85
C LEU B 102 9.10 7.64 -3.08
N GLY B 103 9.24 6.33 -2.88
CA GLY B 103 9.63 5.37 -3.94
C GLY B 103 8.76 5.42 -5.17
N GLU B 104 7.45 5.54 -4.95
CA GLU B 104 6.47 5.64 -6.02
C GLU B 104 6.69 6.90 -6.86
N MET B 105 7.01 8.00 -6.17
CA MET B 105 7.27 9.26 -6.82
C MET B 105 8.50 9.09 -7.74
N ILE B 106 9.56 8.49 -7.21
CA ILE B 106 10.81 8.28 -7.95
C ILE B 106 10.57 7.39 -9.18
N LEU B 107 9.67 6.40 -9.04
CA LEU B 107 9.32 5.46 -10.12
C LEU B 107 8.53 6.04 -11.31
N LEU B 108 7.59 6.94 -11.05
CA LEU B 108 6.76 7.49 -12.13
C LEU B 108 7.45 8.66 -12.84
N LEU B 109 8.67 8.97 -12.41
CA LEU B 109 9.42 10.11 -12.95
C LEU B 109 9.48 10.09 -14.49
N PRO B 110 9.94 8.98 -15.10
CA PRO B 110 10.00 8.93 -16.56
C PRO B 110 8.67 8.65 -17.25
N VAL B 111 7.68 8.21 -16.47
CA VAL B 111 6.36 7.82 -17.00
C VAL B 111 5.43 9.03 -17.04
N CYS B 112 5.77 10.07 -16.28
CA CYS B 112 4.99 11.30 -16.28
C CYS B 112 5.11 11.96 -17.65
N PRO B 113 4.07 12.71 -18.07
CA PRO B 113 4.25 13.56 -19.26
C PRO B 113 5.60 14.33 -19.17
N PRO B 114 6.35 14.45 -20.30
CA PRO B 114 7.64 15.17 -20.32
C PRO B 114 7.52 16.61 -19.84
N GLU B 115 6.35 17.20 -20.04
CA GLU B 115 6.13 18.59 -19.66
C GLU B 115 5.97 18.76 -18.13
N GLU B 116 5.77 17.64 -17.43
CA GLU B 116 5.57 17.61 -15.98
C GLU B 116 6.81 17.14 -15.22
N LYS B 117 7.81 16.65 -15.95
CA LYS B 117 8.99 16.00 -15.38
C LYS B 117 9.83 16.89 -14.47
N ASP B 118 10.11 18.11 -14.94
CA ASP B 118 10.89 19.08 -14.17
C ASP B 118 10.26 19.40 -12.79
N ALA B 119 8.97 19.71 -12.81
CA ALA B 119 8.23 20.05 -11.58
C ALA B 119 8.21 18.85 -10.62
N LYS B 120 7.97 17.65 -11.16
CA LYS B 120 7.92 16.45 -10.32
C LYS B 120 9.31 16.16 -9.65
N LEU B 121 10.40 16.23 -10.41
CA LEU B 121 11.76 16.13 -9.86
C LEU B 121 12.04 17.15 -8.72
N ALA B 122 11.70 18.42 -8.96
CA ALA B 122 11.86 19.50 -7.96
C ALA B 122 11.04 19.16 -6.70
N LEU B 123 9.80 18.74 -6.92
CA LEU B 123 8.91 18.32 -5.83
C LEU B 123 9.52 17.16 -5.02
N ILE B 124 10.04 16.16 -5.71
CA ILE B 124 10.63 15.01 -5.03
C ILE B 124 11.81 15.47 -4.17
N LYS B 125 12.71 16.25 -4.78
CA LYS B 125 13.85 16.77 -4.08
C LYS B 125 13.46 17.50 -2.82
N GLU B 126 12.46 18.38 -2.92
CA GLU B 126 11.95 19.11 -1.76
C GLU B 126 11.40 18.18 -0.65
N LYS B 127 10.64 17.16 -1.05
CA LYS B 127 10.10 16.18 -0.10
C LYS B 127 11.21 15.34 0.59
N ILE B 128 12.22 14.94 -0.15
CA ILE B 128 13.38 14.24 0.43
C ILE B 128 14.04 15.11 1.50
N LYS B 129 14.34 16.36 1.10
CA LYS B 129 14.95 17.41 1.95
C LYS B 129 14.20 17.74 3.22
N ASN B 130 12.94 18.11 3.06
CA ASN B 130 12.14 18.70 4.12
C ASN B 130 11.23 17.68 4.87
N ARG B 131 10.90 16.57 4.22
CA ARG B 131 9.94 15.65 4.79
C ARG B 131 10.51 14.28 5.20
N TYR B 132 10.96 13.51 4.22
CA TYR B 132 11.32 12.10 4.43
C TYR B 132 12.66 11.86 5.14
N PHE B 133 13.74 12.50 4.66
CA PHE B 133 15.02 12.29 5.32
C PHE B 133 15.01 12.78 6.81
N PRO B 134 14.47 13.99 7.08
CA PRO B 134 14.35 14.45 8.47
C PRO B 134 13.58 13.42 9.30
N ALA B 135 12.50 12.83 8.74
CA ALA B 135 11.71 11.87 9.51
C ALA B 135 12.56 10.63 9.92
N PHE B 136 13.33 10.08 8.99
CA PHE B 136 14.08 8.86 9.30
C PHE B 136 15.34 9.16 10.12
N GLU B 137 15.93 10.33 9.86
CA GLU B 137 17.05 10.81 10.70
C GLU B 137 16.60 10.94 12.16
N LYS B 138 15.40 11.51 12.34
CA LYS B 138 14.76 11.66 13.64
C LYS B 138 14.60 10.32 14.42
N VAL B 139 14.16 9.28 13.72
CA VAL B 139 13.96 7.94 14.32
C VAL B 139 15.31 7.42 14.85
N LEU B 140 16.32 7.55 13.99
CA LEU B 140 17.66 7.07 14.32
C LEU B 140 18.28 7.85 15.48
N LYS B 141 18.18 9.17 15.44
CA LYS B 141 18.72 10.04 16.50
C LYS B 141 17.93 9.85 17.83
N SER B 142 16.68 9.39 17.73
CA SER B 142 15.84 9.14 18.89
C SER B 142 16.38 8.03 19.78
N HIS B 143 16.76 6.90 19.21
CA HIS B 143 17.16 5.79 20.04
C HIS B 143 18.67 5.49 19.94
N GLY B 144 19.37 6.22 19.06
CA GLY B 144 20.82 6.01 18.85
C GLY B 144 21.26 4.62 18.44
N GLN B 145 20.34 3.81 17.90
CA GLN B 145 20.61 2.41 17.60
C GLN B 145 20.97 2.23 16.11
N ASP B 146 21.55 1.07 15.79
CA ASP B 146 22.11 0.81 14.45
C ASP B 146 21.02 0.43 13.46
N TYR B 147 19.85 0.06 13.98
CA TYR B 147 18.71 -0.35 13.15
C TYR B 147 17.48 0.52 13.45
N LEU B 148 16.57 0.57 12.49
CA LEU B 148 15.38 1.41 12.64
C LEU B 148 14.45 0.94 13.77
N VAL B 149 14.21 -0.37 13.86
CA VAL B 149 13.26 -0.98 14.82
C VAL B 149 13.85 -2.19 15.58
N GLY B 150 13.68 -2.17 16.89
CA GLY B 150 13.93 -3.33 17.72
C GLY B 150 15.42 -3.63 17.90
N ASN B 151 16.26 -2.64 17.60
CA ASN B 151 17.70 -2.82 17.61
C ASN B 151 18.14 -4.10 16.84
N LYS B 152 17.48 -4.39 15.72
CA LYS B 152 17.64 -5.66 15.00
C LYS B 152 17.32 -5.43 13.52
N LEU B 153 18.08 -6.04 12.61
CA LEU B 153 17.75 -5.91 11.17
C LEU B 153 16.27 -6.21 10.88
N SER B 154 15.63 -5.31 10.15
CA SER B 154 14.29 -5.52 9.63
C SER B 154 14.19 -5.06 8.18
N ARG B 155 13.08 -5.41 7.52
CA ARG B 155 12.79 -4.91 6.17
C ARG B 155 12.87 -3.39 6.09
N ALA B 156 12.66 -2.71 7.21
CA ALA B 156 12.61 -1.23 7.20
C ALA B 156 13.98 -0.71 6.82
N ASP B 157 15.01 -1.38 7.32
CA ASP B 157 16.38 -0.96 7.08
C ASP B 157 16.72 -1.19 5.62
N ILE B 158 16.27 -2.34 5.11
CA ILE B 158 16.51 -2.76 3.70
C ILE B 158 15.81 -1.82 2.72
N HIS B 159 14.50 -1.63 2.90
CA HIS B 159 13.71 -0.68 2.09
C HIS B 159 14.28 0.75 2.12
N LEU B 160 14.70 1.20 3.31
CA LEU B 160 15.26 2.55 3.43
C LEU B 160 16.56 2.69 2.62
N VAL B 161 17.48 1.76 2.83
CA VAL B 161 18.84 1.84 2.20
C VAL B 161 18.71 1.74 0.65
N GLU B 162 17.85 0.83 0.17
CA GLU B 162 17.44 0.79 -1.26
C GLU B 162 17.05 2.17 -1.78
N LEU B 163 16.11 2.81 -1.09
CA LEU B 163 15.75 4.23 -1.37
C LEU B 163 16.95 5.20 -1.38
N LEU B 164 17.84 5.06 -0.41
CA LEU B 164 19.05 5.88 -0.36
C LEU B 164 19.88 5.78 -1.65
N TYR B 165 20.02 4.56 -2.19
CA TYR B 165 20.69 4.36 -3.47
C TYR B 165 19.99 5.11 -4.59
N TYR B 166 18.66 5.11 -4.59
CA TYR B 166 17.89 5.82 -5.67
C TYR B 166 18.04 7.35 -5.55
N VAL B 167 17.99 7.85 -4.32
CA VAL B 167 18.20 9.29 -4.06
C VAL B 167 19.62 9.74 -4.46
N GLU B 168 20.62 8.92 -4.15
CA GLU B 168 22.01 9.10 -4.62
C GLU B 168 22.07 9.30 -6.17
N GLU B 169 21.36 8.43 -6.89
CA GLU B 169 21.31 8.50 -8.35
C GLU B 169 20.71 9.82 -8.81
N LEU B 170 19.76 10.33 -8.02
CA LEU B 170 19.07 11.56 -8.36
C LEU B 170 19.97 12.79 -8.07
N ASP B 171 20.59 12.79 -6.88
CA ASP B 171 21.38 13.90 -6.41
C ASP B 171 22.14 13.43 -5.18
N SER B 172 23.45 13.23 -5.36
CA SER B 172 24.36 12.79 -4.30
C SER B 172 24.46 13.75 -3.12
N SER B 173 24.06 15.02 -3.29
CA SER B 173 24.03 15.99 -2.20
C SER B 173 22.86 15.85 -1.20
N LEU B 174 21.74 15.24 -1.63
CA LEU B 174 20.52 15.24 -0.82
C LEU B 174 20.70 14.65 0.59
N ILE B 175 21.54 13.61 0.68
CA ILE B 175 21.81 12.95 1.96
C ILE B 175 22.84 13.66 2.89
N SER B 176 23.55 14.65 2.35
CA SER B 176 24.79 15.15 2.99
C SER B 176 24.62 15.74 4.40
N SER B 177 23.43 16.28 4.70
CA SER B 177 23.11 16.82 6.04
C SER B 177 22.44 15.80 7.00
N PHE B 178 22.39 14.54 6.59
CA PHE B 178 21.80 13.48 7.39
C PHE B 178 22.86 12.43 7.68
N PRO B 179 23.71 12.71 8.72
CA PRO B 179 24.84 11.80 8.99
C PRO B 179 24.38 10.37 9.36
N LEU B 180 23.29 10.24 10.15
CA LEU B 180 22.81 8.92 10.59
C LEU B 180 22.28 8.10 9.38
N LEU B 181 21.65 8.76 8.40
CA LEU B 181 21.26 8.03 7.15
C LEU B 181 22.49 7.50 6.39
N LYS B 182 23.49 8.36 6.22
CA LYS B 182 24.80 8.00 5.63
C LYS B 182 25.39 6.79 6.35
N ALA B 183 25.36 6.80 7.69
CA ALA B 183 25.97 5.73 8.49
C ALA B 183 25.20 4.40 8.31
N LEU B 184 23.89 4.51 8.22
CA LEU B 184 23.02 3.35 8.03
C LEU B 184 23.29 2.74 6.66
N LYS B 185 23.40 3.59 5.62
CA LYS B 185 23.67 3.13 4.27
C LYS B 185 24.92 2.27 4.27
N THR B 186 25.96 2.77 4.94
CA THR B 186 27.27 2.10 5.01
C THR B 186 27.16 0.74 5.71
N ARG B 187 26.62 0.73 6.94
CA ARG B 187 26.43 -0.47 7.74
C ARG B 187 25.66 -1.58 6.99
N ILE B 188 24.44 -1.25 6.53
CA ILE B 188 23.61 -2.18 5.78
C ILE B 188 24.32 -2.70 4.49
N SER B 189 25.00 -1.81 3.78
CA SER B 189 25.68 -2.15 2.53
C SER B 189 26.86 -3.09 2.76
N ASN B 190 27.39 -3.07 3.98
CA ASN B 190 28.48 -3.98 4.35
C ASN B 190 27.99 -5.33 4.95
N LEU B 191 26.67 -5.48 5.16
CA LEU B 191 26.15 -6.81 5.59
C LEU B 191 26.41 -7.81 4.46
N PRO B 192 26.95 -9.02 4.79
CA PRO B 192 27.38 -9.97 3.73
C PRO B 192 26.34 -10.22 2.62
N THR B 193 25.09 -10.48 2.97
CA THR B 193 24.04 -10.65 1.96
C THR B 193 23.82 -9.41 1.07
N VAL B 194 23.82 -8.23 1.68
CA VAL B 194 23.53 -7.00 0.91
C VAL B 194 24.77 -6.64 0.07
N LYS B 195 25.96 -6.81 0.67
CA LYS B 195 27.20 -6.54 -0.04
C LYS B 195 27.24 -7.40 -1.32
N LYS B 196 26.77 -8.64 -1.21
CA LYS B 196 26.75 -9.54 -2.37
C LYS B 196 25.75 -9.07 -3.43
N PHE B 197 24.57 -8.64 -2.99
CA PHE B 197 23.56 -8.14 -3.91
C PHE B 197 24.03 -6.84 -4.63
N LEU B 198 24.89 -6.07 -3.96
CA LEU B 198 25.35 -4.77 -4.51
C LEU B 198 26.49 -4.94 -5.52
N GLN B 199 27.18 -6.08 -5.47
CA GLN B 199 28.27 -6.37 -6.38
C GLN B 199 27.86 -6.49 -7.85
N PRO B 200 28.79 -6.17 -8.77
CA PRO B 200 28.52 -6.38 -10.20
C PRO B 200 28.00 -7.78 -10.47
N GLY B 201 27.05 -7.87 -11.38
CA GLY B 201 26.58 -9.17 -11.87
C GLY B 201 25.52 -9.87 -11.02
N SER B 202 25.10 -9.25 -9.90
CA SER B 202 23.96 -9.75 -9.09
C SER B 202 22.62 -9.52 -9.84
N PRO B 203 21.48 -10.05 -9.29
CA PRO B 203 20.15 -9.73 -9.82
C PRO B 203 19.68 -8.28 -9.67
N ARG B 204 20.43 -7.45 -8.96
CA ARG B 204 20.09 -6.02 -8.84
C ARG B 204 19.96 -5.35 -10.23
N LYS B 205 18.89 -4.56 -10.40
CA LYS B 205 18.53 -4.01 -11.70
C LYS B 205 18.99 -2.54 -11.86
N PRO B 206 19.36 -2.10 -13.09
CA PRO B 206 19.81 -0.71 -13.29
C PRO B 206 18.64 0.31 -13.33
N PRO B 207 18.95 1.63 -13.30
CA PRO B 207 17.87 2.59 -13.54
C PRO B 207 17.22 2.34 -14.90
N MET B 208 15.90 2.56 -14.98
CA MET B 208 15.19 2.38 -16.26
C MET B 208 15.64 3.44 -17.28
N ASP B 209 16.12 3.00 -18.44
CA ASP B 209 16.43 3.90 -19.56
C ASP B 209 15.22 3.99 -20.51
N GLU B 210 15.38 4.76 -21.60
CA GLU B 210 14.31 4.95 -22.60
C GLU B 210 13.90 3.65 -23.34
N LYS B 211 14.86 2.79 -23.68
CA LYS B 211 14.59 1.49 -24.29
C LYS B 211 13.77 0.59 -23.37
N SER B 212 14.17 0.54 -22.09
CA SER B 212 13.44 -0.29 -21.15
C SER B 212 12.02 0.24 -20.96
N LEU B 213 11.87 1.58 -20.89
CA LEU B 213 10.51 2.16 -20.82
C LEU B 213 9.65 1.76 -22.04
N GLU B 214 10.28 1.78 -23.23
CA GLU B 214 9.64 1.39 -24.49
C GLU B 214 9.14 -0.05 -24.36
N GLU B 215 10.01 -0.91 -23.84
CA GLU B 215 9.61 -2.31 -23.58
C GLU B 215 8.35 -2.42 -22.70
N ALA B 216 8.30 -1.62 -21.62
CA ALA B 216 7.17 -1.63 -20.68
C ALA B 216 5.85 -1.27 -21.38
N ARG B 217 5.89 -0.17 -22.14
CA ARG B 217 4.75 0.26 -22.94
C ARG B 217 4.24 -0.85 -23.86
N LYS B 218 5.15 -1.59 -24.49
CA LYS B 218 4.74 -2.74 -25.32
C LYS B 218 4.11 -3.85 -24.45
N ILE B 219 4.82 -4.28 -23.42
CA ILE B 219 4.36 -5.37 -22.56
C ILE B 219 3.03 -5.03 -21.85
N PHE B 220 2.95 -3.86 -21.24
CA PHE B 220 1.80 -3.47 -20.43
C PHE B 220 0.75 -2.60 -21.14
N ARG B 221 0.93 -2.39 -22.44
CA ARG B 221 0.01 -1.59 -23.28
C ARG B 221 -0.37 -0.23 -22.66
N PHE B 222 0.59 0.69 -22.59
CA PHE B 222 0.28 2.06 -22.13
C PHE B 222 1.10 3.08 -22.90
N1 GTX C . 0.32 7.12 2.09
CA1 GTX C . -0.36 7.99 3.08
C1 GTX C . -1.38 7.16 3.82
O11 GTX C . -1.70 7.40 4.99
O12 GTX C . -1.90 6.16 3.29
CB1 GTX C . -0.94 9.22 2.38
CG1 GTX C . -1.51 10.24 3.38
CD1 GTX C . -1.97 11.50 2.62
OE1 GTX C . -1.69 11.65 1.28
N2 GTX C . -2.65 12.44 3.29
CA2 GTX C . -3.01 13.70 2.69
C2 GTX C . -2.23 14.78 3.38
O2 GTX C . -2.18 14.71 4.76
CB2 GTX C . -4.50 13.93 2.83
SG2 GTX C . -5.48 12.60 2.07
C1S GTX C . -6.64 13.78 1.32
C2S GTX C . -7.77 13.00 0.64
C3S GTX C . -8.73 13.94 -0.09
C4S GTX C . -9.29 13.21 -1.30
C5S GTX C . -9.02 13.92 -2.61
C6S GTX C . -9.43 13.01 -3.76
N3 GTX C . -1.71 15.75 2.66
CA3 GTX C . -0.96 16.88 3.21
C3 GTX C . 0.49 16.84 2.79
O31 GTX C . 1.23 17.85 2.95
O32 GTX C . 0.95 15.81 2.25
N1 GTX D . -0.97 -2.58 -7.02
CA1 GTX D . -0.31 -3.53 -7.93
C1 GTX D . 0.93 -4.05 -7.24
O11 GTX D . 1.41 -5.18 -7.51
O12 GTX D . 1.48 -3.33 -6.37
CB1 GTX D . 0.06 -2.85 -9.25
CG1 GTX D . 0.50 -3.89 -10.29
CD1 GTX D . 0.70 -3.24 -11.66
OE1 GTX D . 0.23 -1.94 -11.85
N2 GTX D . 1.28 -3.96 -12.63
CA2 GTX D . 1.33 -3.43 -13.99
C2 GTX D . 0.60 -4.35 -14.94
O2 GTX D . 0.74 -5.72 -14.79
CB2 GTX D . 2.78 -3.35 -14.43
SG2 GTX D . 3.81 -2.31 -13.36
C1S GTX D . 4.32 -1.41 -14.82
C2S GTX D . 5.80 -1.53 -15.01
C3S GTX D . 6.53 -0.43 -14.25
C4S GTX D . 6.79 0.72 -15.21
C5S GTX D . 7.99 1.54 -14.77
C6S GTX D . 7.55 2.92 -14.30
N3 GTX D . -0.11 -3.78 -15.91
CA3 GTX D . -0.97 -4.56 -16.80
C3 GTX D . -2.41 -4.24 -16.49
O31 GTX D . -3.31 -4.54 -17.30
O32 GTX D . -2.72 -3.66 -15.44
#